data_6CKM
#
_entry.id   6CKM
#
_cell.length_a   93.372
_cell.length_b   156.020
_cell.length_c   38.714
_cell.angle_alpha   90.00
_cell.angle_beta   90.00
_cell.angle_gamma   90.00
#
_symmetry.space_group_name_H-M   'C 2 2 2'
#
loop_
_entity.id
_entity.type
_entity.pdbx_description
1 polymer 'N-acylneuraminate cytidylyltransferase'
2 non-polymer "CYTIDINE-5'-MONOPHOSPHATE-5-N-ACETYLNEURAMINIC ACID"
3 non-polymer 'CALCIUM ION'
4 non-polymer GLYCEROL
5 water water
#
_entity_poly.entity_id   1
_entity_poly.type   'polypeptide(L)'
_entity_poly.pdbx_seq_one_letter_code
;MEKQNIAVILARQNSKGLPLKNLRKMNGISLLGHTINAAISSKCFDRIIVSTDGGLIAEEAKNFGVEVVLRPAELASDTA
SSISGVIHALETIGSNSGTVTLLQPTSPLRTGAHIREAFSLFDEKIKGSVVSACPMEHHPLKTLLQINNGEYAPMRHLSD
LEQPRQQLPQAFRPNGAIYINDTASLIANNCFFIAPTKLYIMSHQDSIDIDTELDLQQAENILNHKES
;
_entity_poly.pdbx_strand_id   A
#
loop_
_chem_comp.id
_chem_comp.type
_chem_comp.name
_chem_comp.formula
CA non-polymer 'CALCIUM ION' 'Ca 2'
GOL non-polymer GLYCEROL 'C3 H8 O3'
NCC non-polymer 'CYTIDINE-5'-MONOPHOSPHATE-5-N-ACETYLNEURAMINIC ACID' 'C20 H31 N4 O16 P'
#
# COMPACT_ATOMS: atom_id res chain seq x y z
N MET A 1 23.99 8.51 -11.05
CA MET A 1 22.99 9.07 -10.17
C MET A 1 23.31 8.78 -8.71
N GLU A 2 22.73 9.58 -7.81
CA GLU A 2 22.73 9.23 -6.40
C GLU A 2 21.59 8.26 -6.14
N LYS A 3 21.88 7.17 -5.43
CA LYS A 3 20.82 6.30 -4.98
C LYS A 3 19.95 7.04 -3.97
N GLN A 4 18.63 6.92 -4.13
CA GLN A 4 17.67 7.61 -3.29
C GLN A 4 16.59 6.64 -2.82
N ASN A 5 16.16 6.80 -1.58
CA ASN A 5 14.97 6.10 -1.07
C ASN A 5 13.77 7.03 -1.21
N ILE A 6 12.83 6.65 -2.08
CA ILE A 6 11.70 7.50 -2.45
C ILE A 6 10.42 6.90 -1.88
N ALA A 7 9.60 7.74 -1.26
CA ALA A 7 8.22 7.35 -0.93
C ALA A 7 7.28 8.05 -1.89
N VAL A 8 6.36 7.28 -2.48
CA VAL A 8 5.32 7.82 -3.36
C VAL A 8 3.96 7.53 -2.72
N ILE A 9 3.21 8.60 -2.45
CA ILE A 9 1.85 8.53 -1.93
C ILE A 9 0.94 8.93 -3.08
N LEU A 10 0.24 7.96 -3.69
CA LEU A 10 -0.73 8.29 -4.74
C LEU A 10 -2.04 8.68 -4.08
N ALA A 11 -2.55 9.89 -4.40
CA ALA A 11 -3.78 10.38 -3.77
C ALA A 11 -4.56 11.17 -4.81
N ARG A 12 -5.36 10.48 -5.61
CA ARG A 12 -6.14 11.18 -6.62
C ARG A 12 -7.36 11.84 -5.98
N GLN A 13 -7.93 12.79 -6.72
CA GLN A 13 -9.03 13.58 -6.18
C GLN A 13 -10.35 12.83 -6.21
N ASN A 14 -10.61 12.10 -7.28
CA ASN A 14 -11.90 11.41 -7.47
C ASN A 14 -11.80 10.02 -6.86
N SER A 15 -12.49 9.82 -5.75
CA SER A 15 -12.59 8.51 -5.12
C SER A 15 -13.89 7.85 -5.57
N LYS A 16 -13.77 6.70 -6.23
CA LYS A 16 -14.94 6.04 -6.81
C LYS A 16 -15.98 5.65 -5.78
N GLY A 17 -15.62 5.64 -4.50
CA GLY A 17 -16.57 5.33 -3.44
C GLY A 17 -16.89 6.53 -2.57
N LEU A 18 -16.36 6.54 -1.35
CA LEU A 18 -16.52 7.66 -0.43
C LEU A 18 -15.96 8.93 -1.06
N PRO A 19 -16.75 9.99 -1.19
CA PRO A 19 -16.26 11.18 -1.91
C PRO A 19 -15.12 11.87 -1.18
N LEU A 20 -14.13 12.33 -1.95
CA LEU A 20 -12.99 13.09 -1.42
C LEU A 20 -12.31 12.35 -0.28
N LYS A 21 -12.21 11.03 -0.43
CA LYS A 21 -11.78 10.16 0.66
C LYS A 21 -10.40 10.55 1.20
N ASN A 22 -9.46 10.93 0.32
CA ASN A 22 -8.10 11.11 0.78
C ASN A 22 -7.95 12.31 1.71
N LEU A 23 -8.90 13.24 1.70
CA LEU A 23 -8.87 14.37 2.62
C LEU A 23 -9.81 14.21 3.80
N ARG A 24 -10.53 13.10 3.89
CA ARG A 24 -11.41 12.89 5.03
C ARG A 24 -10.60 12.78 6.31
N LYS A 25 -11.15 13.34 7.38
CA LYS A 25 -10.40 13.48 8.62
C LYS A 25 -10.65 12.33 9.57
N MET A 26 -9.58 11.94 10.26
CA MET A 26 -9.60 10.84 11.21
CA MET A 26 -9.61 10.84 11.22
C MET A 26 -8.87 11.32 12.45
N ASN A 27 -9.60 11.55 13.54
CA ASN A 27 -9.03 12.16 14.75
C ASN A 27 -8.36 13.49 14.41
N GLY A 28 -9.01 14.25 13.52
CA GLY A 28 -8.60 15.61 13.22
C GLY A 28 -7.57 15.76 12.12
N ILE A 29 -7.05 14.66 11.58
CA ILE A 29 -6.01 14.69 10.56
C ILE A 29 -6.49 13.95 9.33
N SER A 30 -6.26 14.52 8.15
CA SER A 30 -6.69 13.88 6.92
C SER A 30 -6.01 12.52 6.74
N LEU A 31 -6.68 11.62 6.02
CA LEU A 31 -6.03 10.36 5.66
C LEU A 31 -4.68 10.60 5.01
N LEU A 32 -4.63 11.57 4.09
CA LEU A 32 -3.35 11.93 3.47
C LEU A 32 -2.32 12.28 4.53
N GLY A 33 -2.72 13.13 5.48
CA GLY A 33 -1.80 13.56 6.53
C GLY A 33 -1.29 12.43 7.40
N HIS A 34 -2.16 11.46 7.72
CA HIS A 34 -1.71 10.31 8.52
C HIS A 34 -0.61 9.56 7.81
N THR A 35 -0.75 9.33 6.50
CA THR A 35 0.28 8.60 5.78
C THR A 35 1.52 9.46 5.55
N ILE A 36 1.37 10.77 5.32
CA ILE A 36 2.55 11.64 5.26
C ILE A 36 3.32 11.58 6.57
N ASN A 37 2.61 11.64 7.70
CA ASN A 37 3.26 11.61 9.01
C ASN A 37 4.00 10.30 9.21
N ALA A 38 3.41 9.19 8.77
CA ALA A 38 4.10 7.90 8.83
C ALA A 38 5.38 7.92 8.01
N ALA A 39 5.32 8.47 6.79
CA ALA A 39 6.51 8.51 5.96
C ALA A 39 7.61 9.36 6.60
N ILE A 40 7.26 10.54 7.14
CA ILE A 40 8.25 11.40 7.78
C ILE A 40 8.83 10.74 9.03
N SER A 41 7.96 10.22 9.91
CA SER A 41 8.45 9.70 11.17
C SER A 41 9.26 8.42 10.99
N SER A 42 9.11 7.71 9.86
CA SER A 42 9.89 6.52 9.61
C SER A 42 11.37 6.83 9.45
N LYS A 43 11.69 8.06 9.00
CA LYS A 43 13.07 8.43 8.69
C LYS A 43 13.73 7.47 7.70
N CYS A 44 12.93 6.81 6.86
CA CYS A 44 13.45 5.90 5.86
C CYS A 44 13.70 6.55 4.50
N PHE A 45 13.21 7.77 4.27
CA PHE A 45 13.15 8.30 2.91
C PHE A 45 14.00 9.54 2.75
N ASP A 46 14.68 9.60 1.60
CA ASP A 46 15.34 10.83 1.15
C ASP A 46 14.36 11.81 0.52
N ARG A 47 13.28 11.30 -0.09
CA ARG A 47 12.30 12.10 -0.81
C ARG A 47 10.92 11.54 -0.50
N ILE A 48 9.96 12.41 -0.21
CA ILE A 48 8.56 12.02 -0.03
C ILE A 48 7.73 12.82 -1.01
N ILE A 49 7.02 12.12 -1.90
CA ILE A 49 6.24 12.69 -2.99
C ILE A 49 4.77 12.32 -2.81
N VAL A 50 3.88 13.31 -2.83
CA VAL A 50 2.45 13.09 -3.04
C VAL A 50 2.14 13.35 -4.50
N SER A 51 1.58 12.35 -5.19
CA SER A 51 1.17 12.47 -6.58
C SER A 51 -0.35 12.59 -6.66
N THR A 52 -0.84 13.66 -7.29
CA THR A 52 -2.27 13.94 -7.29
C THR A 52 -2.64 14.76 -8.53
N ASP A 53 -3.93 14.73 -8.85
CA ASP A 53 -4.52 15.61 -9.85
C ASP A 53 -5.32 16.75 -9.24
N GLY A 54 -5.44 16.80 -7.91
CA GLY A 54 -6.38 17.68 -7.24
C GLY A 54 -5.68 18.83 -6.54
N GLY A 55 -6.23 20.04 -6.70
CA GLY A 55 -5.63 21.21 -6.08
C GLY A 55 -5.68 21.16 -4.55
N LEU A 56 -6.79 20.68 -3.99
CA LEU A 56 -6.90 20.62 -2.54
C LEU A 56 -5.93 19.60 -1.94
N ILE A 57 -5.78 18.45 -2.61
CA ILE A 57 -4.80 17.48 -2.12
C ILE A 57 -3.39 18.04 -2.22
N ALA A 58 -3.08 18.72 -3.33
CA ALA A 58 -1.74 19.29 -3.48
C ALA A 58 -1.47 20.32 -2.39
N GLU A 59 -2.47 21.15 -2.05
CA GLU A 59 -2.27 22.14 -1.00
C GLU A 59 -2.05 21.47 0.35
N GLU A 60 -2.79 20.38 0.63
CA GLU A 60 -2.58 19.65 1.88
C GLU A 60 -1.16 19.09 1.95
N ALA A 61 -0.69 18.48 0.86
CA ALA A 61 0.67 17.93 0.84
C ALA A 61 1.72 19.01 1.08
N LYS A 62 1.57 20.17 0.43
CA LYS A 62 2.53 21.25 0.62
C LYS A 62 2.51 21.73 2.07
N ASN A 63 1.32 21.75 2.69
CA ASN A 63 1.23 22.19 4.08
C ASN A 63 1.90 21.23 5.05
N PHE A 64 2.06 19.95 4.68
CA PHE A 64 2.80 18.99 5.48
C PHE A 64 4.28 18.96 5.13
N GLY A 65 4.72 19.79 4.19
CA GLY A 65 6.14 19.90 3.89
C GLY A 65 6.73 18.82 3.01
N VAL A 66 5.94 18.26 2.08
CA VAL A 66 6.46 17.26 1.17
C VAL A 66 6.29 17.75 -0.27
N GLU A 67 6.91 17.03 -1.20
CA GLU A 67 6.90 17.37 -2.61
C GLU A 67 5.58 16.93 -3.25
N VAL A 68 5.20 17.63 -4.32
CA VAL A 68 4.00 17.32 -5.08
C VAL A 68 4.37 17.05 -6.53
N VAL A 69 3.87 15.95 -7.08
CA VAL A 69 3.86 15.71 -8.52
C VAL A 69 2.42 15.80 -8.99
N LEU A 70 2.15 16.63 -10.01
CA LEU A 70 0.81 16.77 -10.56
C LEU A 70 0.63 15.74 -11.66
N ARG A 71 -0.40 14.90 -11.52
CA ARG A 71 -0.75 13.92 -12.55
C ARG A 71 -1.74 14.48 -13.54
N PRO A 72 -1.51 14.33 -14.84
CA PRO A 72 -2.54 14.65 -15.82
C PRO A 72 -3.69 13.66 -15.72
N ALA A 73 -4.83 14.06 -16.28
CA ALA A 73 -6.08 13.31 -16.10
C ALA A 73 -5.93 11.85 -16.50
N GLU A 74 -5.18 11.57 -17.55
CA GLU A 74 -5.11 10.18 -18.00
C GLU A 74 -4.41 9.27 -16.99
N LEU A 75 -3.63 9.81 -16.05
CA LEU A 75 -3.00 8.99 -15.01
C LEU A 75 -3.76 9.00 -13.70
N ALA A 76 -4.90 9.70 -13.65
CA ALA A 76 -5.67 9.78 -12.41
C ALA A 76 -7.12 9.33 -12.59
N SER A 77 -7.42 8.66 -13.70
CA SER A 77 -8.76 8.18 -13.97
C SER A 77 -9.09 6.96 -13.13
N ASP A 78 -10.35 6.52 -13.19
CA ASP A 78 -10.76 5.33 -12.47
C ASP A 78 -10.05 4.08 -12.97
N THR A 79 -9.57 4.09 -14.20
CA THR A 79 -8.90 2.93 -14.79
C THR A 79 -7.38 2.98 -14.68
N ALA A 80 -6.80 4.11 -14.26
CA ALA A 80 -5.36 4.26 -14.30
C ALA A 80 -4.68 3.37 -13.26
N SER A 81 -3.64 2.66 -13.68
CA SER A 81 -2.96 1.76 -12.77
C SER A 81 -2.11 2.52 -11.76
N SER A 82 -1.98 1.96 -10.56
CA SER A 82 -1.08 2.56 -9.59
C SER A 82 0.36 2.57 -10.11
N ILE A 83 0.77 1.51 -10.82
CA ILE A 83 2.16 1.46 -11.26
C ILE A 83 2.47 2.61 -12.20
N SER A 84 1.53 2.96 -13.09
CA SER A 84 1.81 4.07 -14.00
C SER A 84 1.97 5.38 -13.25
N GLY A 85 1.27 5.53 -12.11
CA GLY A 85 1.44 6.73 -11.32
C GLY A 85 2.78 6.80 -10.62
N VAL A 86 3.25 5.65 -10.12
CA VAL A 86 4.56 5.62 -9.47
C VAL A 86 5.66 5.86 -10.49
N ILE A 87 5.56 5.23 -11.67
CA ILE A 87 6.54 5.46 -12.74
C ILE A 87 6.60 6.94 -13.11
N HIS A 88 5.43 7.57 -13.27
CA HIS A 88 5.39 8.99 -13.62
C HIS A 88 6.03 9.86 -12.54
N ALA A 89 5.81 9.54 -11.26
CA ALA A 89 6.42 10.32 -10.19
C ALA A 89 7.95 10.21 -10.24
N LEU A 90 8.47 8.98 -10.43
CA LEU A 90 9.91 8.79 -10.53
C LEU A 90 10.50 9.53 -11.72
N GLU A 91 9.82 9.50 -12.87
CA GLU A 91 10.33 10.21 -14.04
C GLU A 91 10.33 11.71 -13.79
N THR A 92 9.30 12.21 -13.10
CA THR A 92 9.19 13.66 -12.85
C THR A 92 10.34 14.15 -11.99
N ILE A 93 10.67 13.44 -10.92
CA ILE A 93 11.76 13.88 -10.07
C ILE A 93 13.12 13.40 -10.56
N GLY A 94 13.16 12.50 -11.53
CA GLY A 94 14.42 12.07 -12.11
C GLY A 94 15.18 11.05 -11.30
N SER A 95 14.50 10.06 -10.72
CA SER A 95 15.16 9.01 -9.96
C SER A 95 14.93 7.67 -10.62
N ASN A 96 16.02 6.93 -10.87
CA ASN A 96 15.88 5.57 -11.38
C ASN A 96 16.76 4.58 -10.62
N SER A 97 17.24 4.95 -9.44
CA SER A 97 18.19 4.12 -8.71
C SER A 97 18.01 4.32 -7.22
N GLY A 98 17.80 3.22 -6.49
CA GLY A 98 17.58 3.25 -5.06
C GLY A 98 16.42 2.35 -4.69
N THR A 99 15.52 2.83 -3.83
CA THR A 99 14.27 2.14 -3.55
C THR A 99 13.10 3.08 -3.74
N VAL A 100 11.93 2.49 -3.99
CA VAL A 100 10.69 3.24 -4.12
C VAL A 100 9.60 2.49 -3.37
N THR A 101 8.88 3.20 -2.51
CA THR A 101 7.88 2.61 -1.63
C THR A 101 6.55 3.29 -1.90
N LEU A 102 5.52 2.50 -2.21
CA LEU A 102 4.15 3.01 -2.34
C LEU A 102 3.49 2.95 -0.96
N LEU A 103 2.91 4.08 -0.54
CA LEU A 103 2.19 4.20 0.73
C LEU A 103 0.79 4.72 0.44
N GLN A 104 -0.22 3.85 0.52
CA GLN A 104 -1.58 4.25 0.17
C GLN A 104 -2.26 4.98 1.33
N PRO A 105 -2.90 6.12 1.10
CA PRO A 105 -3.61 6.82 2.18
C PRO A 105 -4.74 6.01 2.79
N THR A 106 -5.23 4.97 2.11
CA THR A 106 -6.32 4.16 2.63
C THR A 106 -5.90 3.24 3.77
N SER A 107 -4.64 3.26 4.20
CA SER A 107 -4.14 2.47 5.34
C SER A 107 -3.64 3.40 6.44
N PRO A 108 -4.55 4.09 7.15
CA PRO A 108 -4.12 5.13 8.10
C PRO A 108 -3.55 4.61 9.41
N LEU A 109 -3.71 3.33 9.75
CA LEU A 109 -3.12 2.80 10.97
C LEU A 109 -1.73 2.22 10.74
N ARG A 110 -1.21 2.28 9.52
CA ARG A 110 0.17 1.92 9.23
C ARG A 110 1.08 3.09 9.60
N THR A 111 1.94 2.89 10.60
CA THR A 111 2.75 3.93 11.22
C THR A 111 4.15 4.00 10.64
N GLY A 112 4.89 5.03 11.05
CA GLY A 112 6.30 5.12 10.70
C GLY A 112 7.10 3.94 11.25
N ALA A 113 6.76 3.45 12.44
CA ALA A 113 7.43 2.26 12.96
C ALA A 113 7.18 1.04 12.07
N HIS A 114 5.94 0.85 11.62
CA HIS A 114 5.67 -0.23 10.66
C HIS A 114 6.55 -0.09 9.42
N ILE A 115 6.69 1.13 8.89
CA ILE A 115 7.53 1.31 7.70
C ILE A 115 8.98 0.93 8.01
N ARG A 116 9.53 1.35 9.15
CA ARG A 116 10.91 0.97 9.50
C ARG A 116 11.05 -0.53 9.63
N GLU A 117 10.09 -1.17 10.28
CA GLU A 117 10.12 -2.62 10.46
C GLU A 117 10.09 -3.33 9.11
N ALA A 118 9.25 -2.87 8.19
CA ALA A 118 9.23 -3.45 6.84
C ALA A 118 10.56 -3.22 6.13
N PHE A 119 11.11 -1.99 6.21
CA PHE A 119 12.36 -1.71 5.53
C PHE A 119 13.50 -2.61 5.99
N SER A 120 13.48 -3.01 7.27
CA SER A 120 14.55 -3.84 7.80
C SER A 120 14.60 -5.21 7.12
N LEU A 121 13.53 -5.61 6.44
CA LEU A 121 13.50 -6.88 5.73
C LEU A 121 14.00 -6.78 4.29
N PHE A 122 14.13 -5.58 3.75
CA PHE A 122 14.51 -5.44 2.35
C PHE A 122 15.96 -5.85 2.15
N ASP A 123 16.21 -6.68 1.13
CA ASP A 123 17.54 -7.20 0.82
C ASP A 123 18.12 -6.39 -0.33
N GLU A 124 19.11 -5.55 -0.02
CA GLU A 124 19.69 -4.64 -1.02
C GLU A 124 20.47 -5.39 -2.10
N LYS A 125 20.85 -6.64 -1.85
CA LYS A 125 21.57 -7.43 -2.84
C LYS A 125 20.64 -8.21 -3.75
N ILE A 126 19.63 -8.85 -3.17
CA ILE A 126 18.73 -9.72 -3.93
C ILE A 126 17.55 -8.95 -4.53
N LYS A 127 17.04 -7.94 -3.82
CA LYS A 127 16.17 -6.90 -4.36
C LYS A 127 14.74 -7.39 -4.68
N GLY A 128 14.25 -8.44 -4.02
CA GLY A 128 12.84 -8.72 -4.06
C GLY A 128 12.02 -7.68 -3.34
N SER A 129 10.71 -7.66 -3.63
CA SER A 129 9.79 -6.76 -2.94
C SER A 129 9.66 -7.08 -1.45
N VAL A 130 9.34 -6.06 -0.65
CA VAL A 130 8.78 -6.25 0.69
C VAL A 130 7.37 -5.69 0.68
N VAL A 131 6.40 -6.53 1.01
CA VAL A 131 4.98 -6.17 0.94
C VAL A 131 4.36 -6.42 2.30
N SER A 132 3.64 -5.43 2.83
CA SER A 132 2.95 -5.64 4.10
C SER A 132 1.71 -6.53 3.91
N ALA A 133 1.45 -7.38 4.89
CA ALA A 133 0.44 -8.42 4.73
C ALA A 133 -0.17 -8.73 6.10
N CYS A 134 -1.36 -9.30 6.08
CA CYS A 134 -2.00 -9.74 7.31
C CYS A 134 -2.51 -11.17 7.16
N PRO A 135 -2.77 -11.87 8.27
CA PRO A 135 -3.27 -13.24 8.17
C PRO A 135 -4.61 -13.31 7.45
N MET A 136 -4.82 -14.40 6.72
CA MET A 136 -6.08 -14.65 6.04
C MET A 136 -7.13 -15.09 7.06
N GLU A 137 -8.28 -14.41 7.03
CA GLU A 137 -9.39 -14.77 7.93
C GLU A 137 -9.91 -16.17 7.63
N HIS A 138 -10.15 -16.46 6.36
CA HIS A 138 -10.55 -17.78 5.88
C HIS A 138 -9.37 -18.39 5.15
N HIS A 139 -8.96 -19.59 5.56
CA HIS A 139 -7.73 -20.15 5.02
C HIS A 139 -7.87 -20.41 3.52
N PRO A 140 -6.95 -19.93 2.69
CA PRO A 140 -7.12 -20.06 1.24
C PRO A 140 -6.95 -21.47 0.70
N LEU A 141 -6.40 -22.41 1.48
CA LEU A 141 -6.43 -23.80 1.03
C LEU A 141 -7.80 -24.43 1.25
N LYS A 142 -8.64 -23.81 2.07
CA LYS A 142 -9.98 -24.31 2.31
C LYS A 142 -10.98 -23.66 1.37
N THR A 143 -10.63 -23.72 0.07
CA THR A 143 -11.43 -23.11 -0.97
C THR A 143 -11.46 -24.03 -2.19
N LEU A 144 -12.38 -23.73 -3.09
CA LEU A 144 -12.45 -24.41 -4.38
C LEU A 144 -12.53 -23.37 -5.48
N LEU A 145 -11.94 -23.70 -6.62
CA LEU A 145 -11.91 -22.79 -7.76
C LEU A 145 -12.80 -23.35 -8.86
N GLN A 146 -13.52 -22.47 -9.53
CA GLN A 146 -14.33 -22.86 -10.67
C GLN A 146 -13.42 -23.24 -11.83
N ILE A 147 -13.63 -24.43 -12.39
CA ILE A 147 -12.91 -24.85 -13.58
C ILE A 147 -13.82 -24.92 -14.80
N ASN A 148 -15.10 -25.21 -14.63
CA ASN A 148 -16.09 -25.14 -15.68
C ASN A 148 -17.40 -24.66 -15.06
N ASN A 149 -18.39 -24.42 -15.91
CA ASN A 149 -19.72 -24.08 -15.42
C ASN A 149 -20.23 -25.16 -14.48
N GLY A 150 -20.46 -24.78 -13.22
CA GLY A 150 -20.91 -25.74 -12.22
C GLY A 150 -19.93 -26.83 -11.89
N GLU A 151 -18.65 -26.64 -12.19
CA GLU A 151 -17.61 -27.61 -11.85
C GLU A 151 -16.51 -26.90 -11.08
N TYR A 152 -16.10 -27.49 -9.96
CA TYR A 152 -15.14 -26.87 -9.06
C TYR A 152 -14.07 -27.87 -8.69
N ALA A 153 -12.88 -27.36 -8.34
CA ALA A 153 -11.75 -28.18 -7.92
C ALA A 153 -11.13 -27.57 -6.68
N PRO A 154 -10.77 -28.38 -5.68
CA PRO A 154 -10.07 -27.84 -4.50
C PRO A 154 -8.81 -27.07 -4.87
N MET A 155 -8.52 -26.04 -4.06
CA MET A 155 -7.31 -25.25 -4.28
C MET A 155 -6.07 -26.13 -4.30
N ARG A 156 -5.99 -27.11 -3.39
CA ARG A 156 -4.88 -28.06 -3.35
C ARG A 156 -5.43 -29.48 -3.20
N HIS A 157 -5.65 -29.95 -1.98
CA HIS A 157 -6.24 -31.27 -1.75
C HIS A 157 -7.66 -31.13 -1.23
N LEU A 158 -8.55 -32.05 -1.64
CA LEU A 158 -9.88 -32.06 -1.04
C LEU A 158 -9.80 -32.20 0.47
N SER A 159 -8.84 -32.98 0.97
CA SER A 159 -8.70 -33.19 2.40
C SER A 159 -8.35 -31.91 3.15
N ASP A 160 -7.79 -30.91 2.47
CA ASP A 160 -7.49 -29.64 3.14
C ASP A 160 -8.75 -28.98 3.69
N LEU A 161 -9.90 -29.25 3.07
CA LEU A 161 -11.13 -28.57 3.47
C LEU A 161 -11.57 -28.97 4.87
N GLU A 162 -11.11 -30.12 5.37
CA GLU A 162 -11.46 -30.59 6.70
C GLU A 162 -10.27 -30.62 7.66
N GLN A 163 -9.12 -30.09 7.25
CA GLN A 163 -7.96 -30.06 8.13
C GLN A 163 -8.11 -28.95 9.16
N PRO A 164 -7.78 -29.20 10.43
CA PRO A 164 -7.64 -28.10 11.37
C PRO A 164 -6.67 -27.06 10.83
N ARG A 165 -7.05 -25.79 10.97
CA ARG A 165 -6.28 -24.70 10.39
C ARG A 165 -4.83 -24.71 10.87
N GLN A 166 -4.62 -25.09 12.13
CA GLN A 166 -3.28 -25.13 12.70
C GLN A 166 -2.39 -26.17 12.04
N GLN A 167 -2.98 -27.13 11.33
CA GLN A 167 -2.21 -28.15 10.62
C GLN A 167 -1.90 -27.77 9.18
N LEU A 168 -2.34 -26.59 8.74
CA LEU A 168 -2.05 -26.09 7.40
C LEU A 168 -0.98 -25.02 7.45
N PRO A 169 -0.24 -24.82 6.36
CA PRO A 169 0.74 -23.73 6.33
C PRO A 169 0.07 -22.40 6.60
N GLN A 170 0.78 -21.52 7.30
CA GLN A 170 0.26 -20.18 7.57
C GLN A 170 0.07 -19.41 6.26
N ALA A 171 -1.03 -18.67 6.18
CA ALA A 171 -1.40 -17.97 4.95
C ALA A 171 -1.62 -16.48 5.22
N PHE A 172 -1.26 -15.67 4.22
CA PHE A 172 -1.25 -14.22 4.34
C PHE A 172 -1.71 -13.56 3.05
N ARG A 173 -2.32 -12.39 3.19
CA ARG A 173 -2.69 -11.58 2.02
C ARG A 173 -2.08 -10.20 2.14
N PRO A 174 -1.67 -9.60 1.03
CA PRO A 174 -1.26 -8.19 1.07
C PRO A 174 -2.38 -7.34 1.64
N ASN A 175 -2.02 -6.33 2.43
CA ASN A 175 -3.04 -5.46 3.01
C ASN A 175 -3.08 -4.07 2.39
N GLY A 176 -2.23 -3.78 1.41
CA GLY A 176 -2.24 -2.49 0.71
C GLY A 176 -1.43 -1.38 1.34
N ALA A 177 -0.86 -1.59 2.53
CA ALA A 177 -0.30 -0.45 3.28
C ALA A 177 1.10 -0.06 2.82
N ILE A 178 1.93 -1.04 2.43
CA ILE A 178 3.35 -0.81 2.13
C ILE A 178 3.77 -1.74 0.98
N TYR A 179 4.40 -1.19 -0.05
CA TYR A 179 5.09 -1.97 -1.07
C TYR A 179 6.45 -1.33 -1.31
N ILE A 180 7.53 -2.05 -0.96
CA ILE A 180 8.91 -1.56 -1.10
C ILE A 180 9.57 -2.32 -2.24
N ASN A 181 10.24 -1.60 -3.14
CA ASN A 181 10.94 -2.23 -4.26
C ASN A 181 12.25 -1.52 -4.56
N ASP A 182 13.18 -2.26 -5.15
CA ASP A 182 14.31 -1.66 -5.82
C ASP A 182 13.81 -0.83 -7.01
N THR A 183 14.31 0.40 -7.14
CA THR A 183 13.73 1.32 -8.12
C THR A 183 13.94 0.84 -9.54
N ALA A 184 15.19 0.49 -9.90
CA ALA A 184 15.44 0.03 -11.27
C ALA A 184 14.62 -1.22 -11.58
N SER A 185 14.42 -2.09 -10.58
CA SER A 185 13.64 -3.30 -10.79
C SER A 185 12.17 -2.98 -11.04
N LEU A 186 11.62 -2.03 -10.28
CA LEU A 186 10.22 -1.66 -10.47
C LEU A 186 10.02 -1.07 -11.86
N ILE A 187 10.94 -0.21 -12.31
CA ILE A 187 10.82 0.36 -13.66
C ILE A 187 10.88 -0.73 -14.71
N ALA A 188 11.81 -1.68 -14.56
CA ALA A 188 11.99 -2.72 -15.59
C ALA A 188 10.81 -3.69 -15.63
N ASN A 189 10.29 -4.09 -14.47
CA ASN A 189 9.21 -5.08 -14.40
C ASN A 189 7.83 -4.46 -14.52
N ASN A 190 7.71 -3.15 -14.27
CA ASN A 190 6.44 -2.43 -14.38
C ASN A 190 5.35 -3.06 -13.50
N CYS A 191 5.71 -3.37 -12.26
CA CYS A 191 4.76 -3.95 -11.31
C CYS A 191 5.35 -3.83 -9.91
N PHE A 192 4.53 -4.18 -8.90
CA PHE A 192 4.91 -4.03 -7.49
C PHE A 192 5.36 -5.32 -6.83
N PHE A 193 5.10 -6.49 -7.42
CA PHE A 193 5.50 -7.77 -6.83
C PHE A 193 6.62 -8.35 -7.68
N ILE A 194 7.81 -8.40 -7.09
CA ILE A 194 9.04 -8.81 -7.76
C ILE A 194 9.69 -9.89 -6.92
N ALA A 195 9.99 -11.04 -7.53
CA ALA A 195 10.54 -12.15 -6.76
C ALA A 195 11.99 -11.89 -6.37
N PRO A 196 12.45 -12.41 -5.22
CA PRO A 196 11.67 -13.15 -4.19
C PRO A 196 10.98 -12.18 -3.26
N THR A 197 9.65 -12.24 -3.20
CA THR A 197 8.89 -11.29 -2.40
C THR A 197 8.90 -11.73 -0.94
N LYS A 198 9.22 -10.79 -0.06
CA LYS A 198 9.19 -10.98 1.39
C LYS A 198 7.96 -10.26 1.95
N LEU A 199 7.42 -10.81 3.04
CA LEU A 199 6.26 -10.23 3.69
C LEU A 199 6.64 -9.58 5.01
N TYR A 200 6.06 -8.41 5.27
CA TYR A 200 6.09 -7.80 6.60
C TYR A 200 4.71 -7.98 7.21
N ILE A 201 4.63 -8.73 8.32
CA ILE A 201 3.34 -9.14 8.86
C ILE A 201 2.79 -8.08 9.80
N MET A 202 1.53 -7.70 9.57
CA MET A 202 0.79 -6.76 10.39
C MET A 202 -0.47 -7.42 10.93
N SER A 203 -0.97 -6.90 12.04
CA SER A 203 -2.20 -7.40 12.63
C SER A 203 -3.41 -7.01 11.78
N HIS A 204 -4.51 -7.73 11.98
CA HIS A 204 -5.76 -7.35 11.31
C HIS A 204 -6.16 -5.93 11.70
N GLN A 205 -5.97 -5.58 12.98
CA GLN A 205 -6.32 -4.24 13.44
C GLN A 205 -5.55 -3.16 12.69
N ASP A 206 -4.23 -3.32 12.58
CA ASP A 206 -3.43 -2.30 11.92
C ASP A 206 -3.58 -2.30 10.41
N SER A 207 -4.26 -3.31 9.85
CA SER A 207 -4.43 -3.46 8.41
C SER A 207 -5.74 -2.87 7.89
N ILE A 208 -6.49 -2.16 8.73
CA ILE A 208 -7.78 -1.62 8.30
C ILE A 208 -7.59 -0.73 7.07
N ASP A 209 -8.46 -0.91 6.07
CA ASP A 209 -8.45 -0.13 4.84
CA ASP A 209 -8.44 -0.10 4.87
C ASP A 209 -9.75 0.65 4.76
N ILE A 210 -9.67 1.94 4.42
CA ILE A 210 -10.83 2.81 4.47
C ILE A 210 -11.60 2.74 3.16
N ASP A 211 -12.82 2.21 3.22
CA ASP A 211 -13.76 2.29 2.12
C ASP A 211 -15.07 2.97 2.49
N THR A 212 -15.48 2.89 3.76
CA THR A 212 -16.80 3.33 4.18
C THR A 212 -16.68 4.30 5.33
N GLU A 213 -17.79 4.97 5.62
CA GLU A 213 -17.89 5.82 6.80
C GLU A 213 -17.62 5.02 8.07
N LEU A 214 -18.17 3.80 8.15
CA LEU A 214 -17.93 2.96 9.32
C LEU A 214 -16.46 2.58 9.46
N ASP A 215 -15.75 2.42 8.33
CA ASP A 215 -14.31 2.19 8.39
C ASP A 215 -13.60 3.35 9.08
N LEU A 216 -13.96 4.59 8.71
CA LEU A 216 -13.35 5.75 9.36
C LEU A 216 -13.60 5.73 10.86
N GLN A 217 -14.83 5.43 11.27
CA GLN A 217 -15.15 5.44 12.69
C GLN A 217 -14.39 4.35 13.44
N GLN A 218 -14.28 3.15 12.84
CA GLN A 218 -13.56 2.05 13.49
C GLN A 218 -12.10 2.40 13.66
N ALA A 219 -11.49 3.01 12.64
CA ALA A 219 -10.09 3.41 12.74
C ALA A 219 -9.89 4.45 13.85
N GLU A 220 -10.83 5.41 13.96
CA GLU A 220 -10.77 6.37 15.07
C GLU A 220 -10.85 5.67 16.41
N ASN A 221 -11.79 4.74 16.56
CA ASN A 221 -11.94 4.02 17.82
C ASN A 221 -10.68 3.23 18.15
N ILE A 222 -10.03 2.66 17.14
CA ILE A 222 -8.80 1.91 17.39
C ILE A 222 -7.71 2.85 17.90
N LEU A 223 -7.55 4.02 17.27
CA LEU A 223 -6.57 4.99 17.75
C LEU A 223 -6.79 5.33 19.21
N ASN A 224 -8.05 5.54 19.60
CA ASN A 224 -8.40 5.81 20.99
C ASN A 224 -8.52 4.48 21.74
N HIS A 225 -7.36 3.84 21.89
CA HIS A 225 -7.26 2.55 22.57
C HIS A 225 -7.77 2.61 24.01
O3P NCC B . -8.78 2.10 -2.97
P NCC B . -7.99 1.97 -4.26
O2P NCC B . -7.17 0.57 -4.20
O1P NCC B . -8.74 2.29 -5.53
O5' NCC B . -6.85 3.07 -4.13
C5' NCC B . -6.02 3.11 -2.97
C4' NCC B . -5.41 4.48 -2.80
O4' NCC B . -4.60 4.80 -3.96
C1' NCC B . -5.07 5.99 -4.58
N1 NCC B . -4.91 5.78 -6.03
C6 NCC B . -5.14 4.57 -6.56
C5 NCC B . -4.92 4.37 -7.91
C4 NCC B . -4.42 5.41 -8.69
N4 NCC B . -4.17 5.24 -10.02
N3 NCC B . -4.16 6.61 -8.13
C2 NCC B . -4.38 6.82 -6.83
O2 NCC B . -4.16 7.93 -6.32
C2' NCC B . -6.49 6.19 -4.07
O2' NCC B . -6.88 7.56 -4.15
C3' NCC B . -6.40 5.63 -2.64
O3' NCC B . -5.80 6.60 -1.76
C9 NCC B . -8.75 -0.88 -5.37
O1B NCC B . -9.10 -1.31 -6.49
O1A NCC B . -9.53 -0.77 -4.41
C10 NCC B . -7.30 -0.46 -5.18
O6 NCC B . -6.59 -1.62 -4.72
C12 NCC B . -5.20 -1.37 -4.43
C13 NCC B . -4.60 -2.61 -3.76
O7 NCC B . -4.71 -3.74 -4.63
C14 NCC B . -5.33 -2.92 -2.45
O8 NCC B . -5.39 -1.73 -1.64
C15 NCC B . -4.63 -4.06 -1.71
O9 NCC B . -5.44 -4.51 -0.60
C16 NCC B . -4.48 -0.99 -5.72
N5 NCC B . -3.06 -0.73 -5.47
C17 NCC B . -2.08 -1.37 -6.13
O10 NCC B . -2.29 -2.02 -7.15
C18 NCC B . -0.71 -1.26 -5.54
C19 NCC B . -5.17 0.22 -6.34
O4 NCC B . -4.58 0.55 -7.61
C20 NCC B . -6.66 -0.03 -6.50
CA CA C . -9.58 0.10 -2.08
C1 GOL D . 11.59 14.66 2.56
O1 GOL D . 12.78 15.13 1.96
C2 GOL D . 10.43 15.47 2.03
O2 GOL D . 10.07 16.46 2.98
C3 GOL D . 10.84 16.14 0.73
O3 GOL D . 11.01 15.13 -0.24
#